data_1B52
#
_entry.id   1B52
#
_cell.length_a   106.351
_cell.length_b   76.798
_cell.length_c   69.474
_cell.angle_alpha   90.00
_cell.angle_beta   90.00
_cell.angle_gamma   90.00
#
_symmetry.space_group_name_H-M   'P 21 21 2 A'
#
loop_
_entity.id
_entity.type
_entity.pdbx_description
1 polymer 'PROTEIN (OLIGO-PEPTIDE BINDING PROTEIN)'
2 polymer 'PROTEIN (LYS-THR-LYS)'
3 non-polymer 'URANYL (VI) ION'
4 water water
#
loop_
_entity_poly.entity_id
_entity_poly.type
_entity_poly.pdbx_seq_one_letter_code
_entity_poly.pdbx_strand_id
1 'polypeptide(L)'
;ADVPAGVQLADKQTLVRNNGSEVQSLDPHKIEGVPESNVSRDLFEGLLISDVEGHPSPGVAEKWENKDFKVWTFHLRENA
KWSDGTPVTAHDFVYSWQRLADPNTASPYASYLQYGHIANIDDIIAGKKPATDLGVKALDDHTFEVTLSEPVPYFYKLLV
HPSVSPVPKSAVEKFGDKWTQPANIVTNGAYKLKNWVVNERIVLERNPQYWDNAKTVINQVTYLPISSEVTDVNRYRSGE
IDMTYNNMPIELFQKLKKEIPNEVRVDPYLCTYYYEINNQKAPFNDVRVRTALKLALDRDIIVNKVKNQGDLPAYSYTPP
YTDGAKLVEPEWFKWSQQKRNEEAKKLLAEAGFTADKPLTFDLLYNTSDLHKKLAIAVASIWKKNLGVNVNLENQEWKTF
LDTRHQGTFDVARAGWCADYNEPTSFLNTMLSDSSNNTAHYKSPAFDKLIADTLKVADDTQRSELYAKAEQQLDKDSAIV
PVYYYVNARLVKPWVGGYTGKDPLDNIYVKNLYIIKH
;
A
2 'polypeptide(L)' KTK B
#
loop_
_chem_comp.id
_chem_comp.type
_chem_comp.name
_chem_comp.formula
IUM non-polymer 'URANYL (VI) ION' 'O2 U 2'
#
# COMPACT_ATOMS: atom_id res chain seq x y z
N ALA A 1 2.07 -8.75 22.25
CA ALA A 1 2.34 -10.16 21.80
C ALA A 1 1.64 -11.16 22.72
N ASP A 2 1.40 -12.35 22.21
CA ASP A 2 0.72 -13.41 22.92
C ASP A 2 1.51 -14.70 22.76
N VAL A 3 2.48 -14.86 23.65
CA VAL A 3 3.36 -16.04 23.62
C VAL A 3 2.49 -17.19 24.11
N PRO A 4 2.45 -18.28 23.35
CA PRO A 4 1.65 -19.44 23.68
C PRO A 4 2.22 -20.12 24.92
N ALA A 5 1.42 -20.31 25.96
CA ALA A 5 1.93 -20.98 27.16
C ALA A 5 2.63 -22.27 26.74
N GLY A 6 3.87 -22.41 27.19
CA GLY A 6 4.71 -23.54 26.86
C GLY A 6 6.00 -23.20 26.12
N VAL A 7 6.13 -22.06 25.44
CA VAL A 7 7.36 -21.81 24.67
C VAL A 7 8.41 -21.02 25.44
N GLN A 8 9.66 -21.15 24.99
CA GLN A 8 10.74 -20.46 25.67
C GLN A 8 11.29 -19.24 24.90
N LEU A 9 11.18 -18.08 25.52
CA LEU A 9 11.61 -16.82 24.99
C LEU A 9 13.10 -16.57 25.08
N ALA A 10 13.75 -16.30 23.96
CA ALA A 10 15.17 -16.04 23.93
C ALA A 10 15.57 -15.00 24.98
N ASP A 11 16.88 -15.05 25.24
CA ASP A 11 17.43 -14.10 26.20
C ASP A 11 17.43 -12.74 25.55
N LYS A 12 17.93 -12.72 24.32
CA LYS A 12 17.97 -11.44 23.60
C LYS A 12 16.73 -11.30 22.71
N GLN A 13 15.99 -10.20 22.89
CA GLN A 13 14.76 -9.99 22.11
C GLN A 13 14.91 -8.84 21.12
N THR A 14 15.50 -9.22 20.00
CA THR A 14 15.87 -8.38 18.89
C THR A 14 15.53 -9.04 17.54
N LEU A 15 15.18 -8.13 16.63
CA LEU A 15 14.76 -8.51 15.28
C LEU A 15 15.28 -7.57 14.21
N VAL A 16 15.83 -8.16 13.16
CA VAL A 16 16.32 -7.47 12.00
C VAL A 16 15.45 -7.77 10.78
N ARG A 17 14.94 -6.65 10.19
CA ARG A 17 14.03 -6.86 9.03
C ARG A 17 14.48 -6.11 7.78
N ASN A 18 14.40 -6.71 6.61
CA ASN A 18 14.69 -5.94 5.41
C ASN A 18 13.41 -5.16 4.99
N ASN A 19 13.49 -3.92 4.61
CA ASN A 19 12.38 -3.04 4.31
C ASN A 19 12.33 -2.68 2.82
N GLY A 20 13.17 -3.38 2.05
CA GLY A 20 13.12 -3.19 0.61
C GLY A 20 13.69 -1.93 0.03
N SER A 21 13.80 -0.82 0.67
CA SER A 21 14.39 0.41 0.24
C SER A 21 14.32 1.50 1.27
N GLU A 22 14.98 2.63 1.10
CA GLU A 22 14.94 3.75 2.03
C GLU A 22 13.58 4.43 2.05
N VAL A 23 12.99 4.62 3.21
CA VAL A 23 11.66 5.18 3.34
C VAL A 23 11.59 6.59 2.74
N GLN A 24 10.47 7.03 2.25
CA GLN A 24 10.28 8.35 1.73
C GLN A 24 10.45 9.38 2.88
N SER A 25 10.00 9.02 4.07
CA SER A 25 9.89 9.89 5.22
C SER A 25 9.33 9.07 6.38
N LEU A 26 9.23 9.67 7.56
CA LEU A 26 8.62 8.94 8.67
C LEU A 26 7.42 9.77 9.16
N ASP A 27 7.14 10.85 8.47
CA ASP A 27 6.01 11.72 8.87
C ASP A 27 4.84 10.99 8.23
N PRO A 28 3.84 10.65 9.02
CA PRO A 28 2.68 9.92 8.53
C PRO A 28 1.93 10.57 7.40
N HIS A 29 1.99 11.92 7.30
CA HIS A 29 1.24 12.57 6.24
C HIS A 29 2.02 12.60 4.96
N LYS A 30 3.29 12.16 4.90
CA LYS A 30 4.10 12.29 3.72
C LYS A 30 4.40 10.93 3.11
N ILE A 31 3.82 9.85 3.59
CA ILE A 31 4.20 8.53 3.02
C ILE A 31 3.12 7.86 2.21
N GLU A 32 3.50 6.92 1.35
CA GLU A 32 2.50 6.25 0.53
C GLU A 32 2.81 4.79 0.30
N GLY A 33 4.01 4.34 0.72
CA GLY A 33 4.43 3.01 0.31
C GLY A 33 4.34 1.93 1.37
N VAL A 34 4.62 0.69 0.88
CA VAL A 34 4.63 -0.42 1.86
C VAL A 34 5.78 -0.33 2.85
N PRO A 35 6.98 -0.03 2.41
CA PRO A 35 8.13 0.08 3.31
C PRO A 35 7.91 1.17 4.34
N GLU A 36 7.36 2.31 3.90
CA GLU A 36 7.15 3.39 4.86
C GLU A 36 6.09 2.94 5.87
N SER A 37 5.06 2.23 5.39
CA SER A 37 4.02 1.82 6.33
C SER A 37 4.50 0.78 7.35
N ASN A 38 5.45 -0.08 6.93
CA ASN A 38 5.93 -1.08 7.87
C ASN A 38 6.55 -0.43 9.11
N VAL A 39 7.30 0.63 8.88
CA VAL A 39 7.98 1.33 9.93
C VAL A 39 6.96 2.18 10.70
N SER A 40 6.02 2.75 9.94
CA SER A 40 5.03 3.64 10.47
C SER A 40 4.17 2.89 11.47
N ARG A 41 3.82 1.63 11.27
CA ARG A 41 2.93 0.96 12.22
C ARG A 41 3.62 0.68 13.56
N ASP A 42 4.95 0.60 13.60
CA ASP A 42 5.64 0.38 14.86
C ASP A 42 5.83 1.70 15.62
N LEU A 43 5.77 2.88 14.96
CA LEU A 43 5.88 4.16 15.58
C LEU A 43 4.61 4.95 15.95
N PHE A 44 3.57 4.90 15.13
CA PHE A 44 2.34 5.65 15.29
C PHE A 44 1.09 4.75 15.25
N GLU A 45 0.15 4.96 16.16
CA GLU A 45 -1.05 4.16 16.31
C GLU A 45 -2.27 5.07 16.12
N GLY A 46 -3.26 4.64 15.35
CA GLY A 46 -4.43 5.51 15.21
C GLY A 46 -5.59 4.97 16.02
N LEU A 47 -6.83 5.25 15.63
CA LEU A 47 -7.98 4.79 16.41
C LEU A 47 -7.99 3.29 16.54
N LEU A 48 -7.82 2.53 15.45
CA LEU A 48 -7.83 1.09 15.35
C LEU A 48 -6.55 0.53 14.71
N ILE A 49 -6.18 -0.68 15.09
CA ILE A 49 -5.07 -1.42 14.53
C ILE A 49 -5.63 -2.74 14.02
N SER A 50 -4.91 -3.56 13.28
CA SER A 50 -5.35 -4.90 12.90
C SER A 50 -4.79 -5.90 13.92
N ASP A 51 -5.56 -6.96 14.16
CA ASP A 51 -5.09 -8.00 15.07
C ASP A 51 -4.19 -8.90 14.22
N VAL A 52 -3.81 -10.04 14.75
CA VAL A 52 -2.88 -10.90 14.05
C VAL A 52 -3.50 -11.61 12.88
N GLU A 53 -4.80 -11.58 12.67
CA GLU A 53 -5.41 -12.16 11.47
C GLU A 53 -5.88 -11.11 10.47
N GLY A 54 -5.53 -9.84 10.71
CA GLY A 54 -6.01 -8.77 9.87
C GLY A 54 -7.31 -8.10 10.26
N HIS A 55 -7.91 -8.43 11.43
CA HIS A 55 -9.17 -7.74 11.73
C HIS A 55 -8.96 -6.44 12.46
N PRO A 56 -9.76 -5.43 12.12
CA PRO A 56 -9.72 -4.14 12.82
C PRO A 56 -10.02 -4.39 14.31
N SER A 57 -9.22 -3.81 15.16
CA SER A 57 -9.20 -3.91 16.58
C SER A 57 -8.86 -2.58 17.23
N PRO A 58 -9.10 -2.54 18.55
CA PRO A 58 -8.95 -1.29 19.27
C PRO A 58 -7.52 -0.84 19.22
N GLY A 59 -7.28 0.41 18.92
CA GLY A 59 -5.95 1.01 18.96
C GLY A 59 -6.07 2.07 20.07
N VAL A 60 -5.83 3.33 19.76
CA VAL A 60 -6.04 4.45 20.67
C VAL A 60 -7.53 4.50 21.04
N ALA A 61 -8.46 4.19 20.12
CA ALA A 61 -9.86 4.12 20.50
C ALA A 61 -10.18 2.79 21.23
N GLU A 62 -10.98 2.87 22.28
CA GLU A 62 -11.31 1.67 23.04
C GLU A 62 -12.64 1.12 22.59
N LYS A 63 -13.49 2.02 22.11
CA LYS A 63 -14.81 1.64 21.63
C LYS A 63 -15.29 2.74 20.70
N TRP A 64 -16.18 2.38 19.79
CA TRP A 64 -16.67 3.35 18.81
C TRP A 64 -18.09 2.92 18.44
N GLU A 65 -18.86 3.92 18.06
CA GLU A 65 -20.26 3.67 17.76
C GLU A 65 -20.60 4.33 16.44
N ASN A 66 -21.74 4.07 15.84
CA ASN A 66 -22.06 4.87 14.66
C ASN A 66 -23.53 5.16 14.60
N LYS A 67 -23.92 6.24 13.92
CA LYS A 67 -25.32 6.51 13.70
C LYS A 67 -25.59 6.43 12.21
N ASP A 68 -26.10 5.31 11.76
CA ASP A 68 -26.45 5.08 10.37
C ASP A 68 -25.22 5.02 9.47
N PHE A 69 -24.05 4.74 10.05
CA PHE A 69 -22.75 4.66 9.38
C PHE A 69 -22.34 6.01 8.86
N LYS A 70 -22.96 7.04 9.40
CA LYS A 70 -22.75 8.41 8.92
C LYS A 70 -22.02 9.22 9.96
N VAL A 71 -22.23 8.97 11.26
CA VAL A 71 -21.59 9.78 12.30
C VAL A 71 -20.91 8.78 13.25
N TRP A 72 -19.59 8.90 13.32
CA TRP A 72 -18.78 7.94 14.04
C TRP A 72 -18.20 8.61 15.29
N THR A 73 -18.28 7.82 16.38
CA THR A 73 -17.84 8.34 17.65
C THR A 73 -16.79 7.38 18.22
N PHE A 74 -15.62 7.92 18.46
CA PHE A 74 -14.52 7.16 18.97
C PHE A 74 -14.23 7.70 20.39
N HIS A 75 -14.11 6.71 21.29
CA HIS A 75 -13.87 6.88 22.69
C HIS A 75 -12.47 6.36 22.93
N LEU A 76 -11.58 7.32 23.17
CA LEU A 76 -10.17 7.01 23.35
C LEU A 76 -9.90 6.49 24.75
N ARG A 77 -8.92 5.59 24.84
CA ARG A 77 -8.53 5.06 26.13
C ARG A 77 -7.80 6.19 26.86
N GLU A 78 -8.15 6.33 28.13
CA GLU A 78 -7.61 7.31 29.05
C GLU A 78 -6.12 7.29 29.28
N ASN A 79 -5.47 6.14 29.20
CA ASN A 79 -4.03 6.02 29.38
C ASN A 79 -3.17 6.16 28.13
N ALA A 80 -3.70 6.51 26.97
CA ALA A 80 -2.91 6.65 25.76
C ALA A 80 -1.86 7.73 25.89
N LYS A 81 -0.59 7.36 25.75
CA LYS A 81 0.45 8.36 25.84
C LYS A 81 1.46 8.32 24.69
N TRP A 82 1.89 9.56 24.46
CA TRP A 82 2.95 9.90 23.54
C TRP A 82 4.21 9.47 24.29
N SER A 83 5.32 9.31 23.57
CA SER A 83 6.53 8.81 24.19
C SER A 83 7.01 9.80 25.24
N ASP A 84 6.75 11.11 25.10
CA ASP A 84 7.15 12.11 26.07
C ASP A 84 6.32 12.10 27.34
N GLY A 85 5.59 11.04 27.64
CA GLY A 85 4.64 10.92 28.72
C GLY A 85 3.39 11.77 28.54
N THR A 86 3.31 12.67 27.54
CA THR A 86 2.09 13.44 27.40
C THR A 86 0.97 12.54 26.84
N PRO A 87 -0.24 13.01 27.07
CA PRO A 87 -1.41 12.28 26.67
C PRO A 87 -1.90 12.59 25.25
N VAL A 88 -2.25 11.50 24.59
CA VAL A 88 -2.89 11.49 23.28
C VAL A 88 -4.36 11.80 23.47
N THR A 89 -4.90 12.90 22.94
CA THR A 89 -6.34 13.12 23.13
C THR A 89 -7.00 13.26 21.76
N ALA A 90 -8.29 13.51 21.70
CA ALA A 90 -8.98 13.72 20.44
C ALA A 90 -8.49 14.96 19.68
N HIS A 91 -7.93 15.96 20.35
CA HIS A 91 -7.44 17.17 19.72
C HIS A 91 -6.24 16.85 18.83
N ASP A 92 -5.49 15.86 19.23
CA ASP A 92 -4.38 15.29 18.47
C ASP A 92 -4.92 14.72 17.16
N PHE A 93 -6.11 14.11 17.19
CA PHE A 93 -6.71 13.62 15.96
C PHE A 93 -7.23 14.75 15.10
N VAL A 94 -7.90 15.70 15.77
CA VAL A 94 -8.51 16.80 15.03
C VAL A 94 -7.44 17.52 14.21
N TYR A 95 -6.35 17.83 14.94
CA TYR A 95 -5.23 18.56 14.37
C TYR A 95 -4.66 17.74 13.20
N SER A 96 -4.37 16.47 13.45
CA SER A 96 -3.78 15.54 12.52
C SER A 96 -4.52 15.43 11.19
N TRP A 97 -5.81 15.20 11.23
CA TRP A 97 -6.63 15.01 10.03
C TRP A 97 -6.78 16.36 9.32
N GLN A 98 -6.66 17.43 10.13
CA GLN A 98 -6.68 18.77 9.53
C GLN A 98 -5.41 18.94 8.72
N ARG A 99 -4.27 18.56 9.23
CA ARG A 99 -3.01 18.67 8.51
C ARG A 99 -3.03 17.80 7.24
N LEU A 100 -3.46 16.55 7.29
CA LEU A 100 -3.57 15.65 6.13
C LEU A 100 -4.39 16.25 5.01
N ALA A 101 -5.53 16.84 5.37
CA ALA A 101 -6.45 17.48 4.46
C ALA A 101 -5.93 18.76 3.82
N ASP A 102 -5.12 19.50 4.55
CA ASP A 102 -4.60 20.76 4.10
C ASP A 102 -3.72 20.66 2.87
N PRO A 103 -4.01 21.45 1.84
CA PRO A 103 -3.20 21.54 0.64
C PRO A 103 -1.76 21.89 0.89
N ASN A 104 -1.44 22.64 1.95
CA ASN A 104 0.00 22.98 2.12
C ASN A 104 0.77 21.77 2.57
N THR A 105 0.12 20.75 3.17
CA THR A 105 0.87 19.55 3.53
C THR A 105 1.25 18.75 2.29
N ALA A 106 0.50 18.85 1.20
CA ALA A 106 0.75 18.12 -0.04
C ALA A 106 0.89 16.61 0.16
N SER A 107 0.09 15.96 1.01
CA SER A 107 0.26 14.54 1.23
C SER A 107 -0.18 13.79 -0.03
N PRO A 108 0.54 12.76 -0.44
CA PRO A 108 0.09 11.91 -1.56
C PRO A 108 -1.14 11.15 -1.13
N TYR A 109 -1.46 11.12 0.19
CA TYR A 109 -2.68 10.55 0.68
C TYR A 109 -3.69 11.52 1.25
N ALA A 110 -3.75 12.74 0.75
CA ALA A 110 -4.73 13.74 1.11
C ALA A 110 -6.11 13.17 0.78
N SER A 111 -6.23 12.44 -0.33
CA SER A 111 -7.46 11.81 -0.75
C SER A 111 -8.00 10.74 0.18
N TYR A 112 -7.22 10.21 1.11
CA TYR A 112 -7.72 9.19 2.02
C TYR A 112 -8.96 9.69 2.76
N LEU A 113 -9.00 10.98 3.17
CA LEU A 113 -10.24 11.50 3.79
C LEU A 113 -11.35 11.70 2.80
N GLN A 114 -11.17 11.85 1.47
CA GLN A 114 -12.30 11.71 0.55
C GLN A 114 -12.70 10.22 0.47
N TYR A 115 -11.78 9.25 0.65
CA TYR A 115 -12.14 7.86 0.63
C TYR A 115 -13.12 7.60 1.80
N GLY A 116 -12.87 8.25 2.93
CA GLY A 116 -13.80 8.06 4.03
C GLY A 116 -15.02 8.97 3.96
N HIS A 117 -15.10 9.94 3.07
CA HIS A 117 -16.12 10.91 2.86
C HIS A 117 -16.41 11.84 4.04
N ILE A 118 -15.34 12.22 4.73
CA ILE A 118 -15.48 13.09 5.91
C ILE A 118 -16.16 14.36 5.42
N ALA A 119 -17.13 14.93 6.09
CA ALA A 119 -17.74 16.15 5.52
C ALA A 119 -16.72 17.28 5.30
N ASN A 120 -16.94 18.05 4.28
CA ASN A 120 -16.23 19.15 3.71
C ASN A 120 -14.87 18.85 3.08
N ILE A 121 -14.44 17.59 3.04
CA ILE A 121 -13.15 17.28 2.42
C ILE A 121 -12.97 17.81 1.02
N ASP A 122 -13.84 17.73 0.05
CA ASP A 122 -13.60 18.22 -1.31
C ASP A 122 -13.22 19.70 -1.35
N ASP A 123 -14.09 20.54 -0.80
CA ASP A 123 -13.87 21.98 -0.70
C ASP A 123 -12.53 22.28 -0.04
N ILE A 124 -12.22 21.51 1.03
CA ILE A 124 -10.92 21.79 1.67
C ILE A 124 -9.82 21.44 0.68
N ILE A 125 -9.88 20.26 0.05
CA ILE A 125 -8.79 19.88 -0.84
C ILE A 125 -8.59 20.94 -1.95
N ALA A 126 -9.69 21.48 -2.48
CA ALA A 126 -9.82 22.45 -3.52
C ALA A 126 -9.50 23.88 -3.11
N GLY A 127 -9.31 24.16 -1.82
CA GLY A 127 -9.01 25.50 -1.38
C GLY A 127 -10.24 26.34 -1.14
N LYS A 128 -11.44 25.89 -1.39
CA LYS A 128 -12.62 26.71 -1.12
C LYS A 128 -12.79 26.89 0.36
N LYS A 129 -12.56 25.92 1.24
CA LYS A 129 -12.61 26.22 2.67
C LYS A 129 -11.28 25.84 3.32
N PRO A 130 -11.10 26.36 4.53
CA PRO A 130 -9.93 26.06 5.33
C PRO A 130 -10.11 24.70 5.97
N ALA A 131 -8.97 24.09 6.28
CA ALA A 131 -8.87 22.78 6.90
C ALA A 131 -9.67 22.67 8.17
N THR A 132 -9.85 23.78 8.91
CA THR A 132 -10.58 23.82 10.16
C THR A 132 -12.02 23.49 9.86
N ASP A 133 -12.57 23.69 8.67
CA ASP A 133 -13.93 23.25 8.39
C ASP A 133 -14.14 21.73 8.26
N LEU A 134 -13.15 20.85 8.33
CA LEU A 134 -13.27 19.40 8.22
C LEU A 134 -14.26 18.84 9.22
N GLY A 135 -15.12 17.89 8.84
CA GLY A 135 -16.09 17.32 9.75
C GLY A 135 -15.62 16.46 10.88
N VAL A 136 -14.68 16.93 11.69
CA VAL A 136 -14.15 16.20 12.82
C VAL A 136 -14.19 17.12 14.05
N LYS A 137 -14.39 16.60 15.25
CA LYS A 137 -14.35 17.43 16.43
C LYS A 137 -14.15 16.62 17.70
N ALA A 138 -13.41 17.27 18.62
CA ALA A 138 -13.23 16.68 19.95
C ALA A 138 -14.44 17.11 20.78
N LEU A 139 -15.23 16.22 21.32
CA LEU A 139 -16.39 16.57 22.13
C LEU A 139 -15.91 16.93 23.54
N ASP A 140 -14.91 16.17 23.95
CA ASP A 140 -14.19 16.34 25.19
C ASP A 140 -12.78 15.84 24.86
N ASP A 141 -11.88 15.78 25.83
CA ASP A 141 -10.50 15.40 25.57
C ASP A 141 -10.39 13.93 25.15
N HIS A 142 -11.39 13.10 25.32
CA HIS A 142 -11.35 11.69 25.05
C HIS A 142 -12.43 11.19 24.10
N THR A 143 -13.16 12.04 23.41
CA THR A 143 -14.23 11.54 22.54
C THR A 143 -13.96 12.23 21.20
N PHE A 144 -13.83 11.42 20.14
CA PHE A 144 -13.50 12.01 18.84
C PHE A 144 -14.65 11.67 17.93
N GLU A 145 -15.25 12.70 17.33
CA GLU A 145 -16.42 12.52 16.53
C GLU A 145 -16.20 12.82 15.06
N VAL A 146 -16.62 11.84 14.23
CA VAL A 146 -16.47 12.04 12.79
C VAL A 146 -17.78 12.15 12.03
N THR A 147 -17.89 13.16 11.17
CA THR A 147 -19.10 13.31 10.38
C THR A 147 -18.80 13.15 8.89
N LEU A 148 -19.53 12.17 8.35
CA LEU A 148 -19.42 11.79 6.96
C LEU A 148 -20.64 12.37 6.24
N SER A 149 -20.41 12.61 4.98
CA SER A 149 -21.43 13.18 4.15
C SER A 149 -22.29 12.07 3.57
N GLU A 150 -21.91 10.79 3.70
CA GLU A 150 -22.66 9.64 3.21
C GLU A 150 -22.42 8.49 4.17
N PRO A 151 -23.33 7.57 4.36
CA PRO A 151 -23.04 6.42 5.21
C PRO A 151 -21.94 5.64 4.50
N VAL A 152 -20.95 5.19 5.23
CA VAL A 152 -19.86 4.36 4.69
C VAL A 152 -19.85 3.25 5.76
N PRO A 153 -20.44 2.12 5.47
CA PRO A 153 -20.44 1.02 6.41
C PRO A 153 -19.04 0.53 6.63
N TYR A 154 -18.08 0.61 5.72
CA TYR A 154 -16.75 0.06 6.06
C TYR A 154 -15.79 1.09 6.61
N PHE A 155 -16.25 2.25 7.07
CA PHE A 155 -15.38 3.29 7.57
C PHE A 155 -14.34 2.82 8.62
N TYR A 156 -14.73 2.00 9.60
CA TYR A 156 -13.77 1.64 10.63
C TYR A 156 -12.61 0.79 10.10
N LYS A 157 -12.78 0.05 9.00
CA LYS A 157 -11.70 -0.67 8.37
C LYS A 157 -10.65 0.25 7.74
N LEU A 158 -10.97 1.47 7.26
CA LEU A 158 -9.96 2.36 6.76
C LEU A 158 -8.96 2.91 7.81
N LEU A 159 -9.33 2.87 9.06
CA LEU A 159 -8.61 3.60 10.11
C LEU A 159 -7.36 2.90 10.59
N VAL A 160 -6.99 1.71 10.12
CA VAL A 160 -5.72 1.12 10.46
C VAL A 160 -4.58 1.65 9.61
N HIS A 161 -4.84 2.59 8.67
CA HIS A 161 -3.82 3.11 7.80
C HIS A 161 -3.00 4.20 8.48
N PRO A 162 -1.71 4.30 8.13
CA PRO A 162 -0.78 5.25 8.69
C PRO A 162 -1.16 6.70 8.51
N SER A 163 -1.82 7.09 7.42
CA SER A 163 -2.15 8.46 7.18
C SER A 163 -3.09 9.03 8.22
N VAL A 164 -4.00 8.20 8.76
CA VAL A 164 -4.94 8.68 9.76
C VAL A 164 -4.35 8.44 11.15
N SER A 165 -3.10 8.13 11.37
CA SER A 165 -2.42 8.07 12.65
C SER A 165 -2.19 9.52 13.12
N PRO A 166 -2.15 9.79 14.42
CA PRO A 166 -1.96 11.14 14.95
C PRO A 166 -0.51 11.56 14.85
N VAL A 167 -0.24 12.84 14.74
CA VAL A 167 1.12 13.39 14.79
C VAL A 167 1.14 14.43 15.92
N PRO A 168 2.21 14.57 16.68
CA PRO A 168 2.31 15.48 17.80
C PRO A 168 2.47 16.95 17.48
N LYS A 169 1.43 17.75 17.57
CA LYS A 169 1.44 19.17 17.29
C LYS A 169 2.68 19.93 17.77
N SER A 170 3.01 19.76 19.05
CA SER A 170 4.14 20.47 19.61
C SER A 170 5.38 20.29 18.76
N ALA A 171 5.78 19.04 18.46
CA ALA A 171 7.00 18.90 17.65
C ALA A 171 6.83 19.48 16.25
N VAL A 172 5.72 19.16 15.59
CA VAL A 172 5.52 19.60 14.21
C VAL A 172 5.75 21.11 14.07
N GLU A 173 5.06 21.92 14.86
CA GLU A 173 5.13 23.36 14.87
C GLU A 173 6.49 23.92 15.23
N LYS A 174 7.26 23.29 16.10
CA LYS A 174 8.58 23.77 16.45
C LYS A 174 9.57 23.50 15.33
N PHE A 175 9.78 22.21 15.10
CA PHE A 175 10.73 21.62 14.18
C PHE A 175 10.38 21.48 12.73
N GLY A 176 9.19 21.83 12.26
CA GLY A 176 8.79 21.68 10.87
C GLY A 176 9.23 20.34 10.30
N ASP A 177 9.70 20.32 9.05
CA ASP A 177 10.21 19.13 8.38
C ASP A 177 11.26 18.31 9.12
N LYS A 178 11.85 18.83 10.17
CA LYS A 178 12.87 18.16 10.96
C LYS A 178 12.26 17.51 12.19
N TRP A 179 10.96 17.64 12.41
CA TRP A 179 10.32 16.96 13.53
C TRP A 179 10.54 15.46 13.56
N THR A 180 10.84 14.76 12.47
CA THR A 180 11.03 13.32 12.48
C THR A 180 12.45 12.83 12.75
N GLN A 181 13.38 13.75 13.02
CA GLN A 181 14.74 13.25 13.39
C GLN A 181 14.68 12.61 14.76
N PRO A 182 15.62 11.73 15.10
CA PRO A 182 15.71 11.14 16.43
C PRO A 182 15.67 12.20 17.54
N ALA A 183 16.34 13.33 17.35
CA ALA A 183 16.30 14.44 18.29
C ALA A 183 14.87 14.85 18.65
N ASN A 184 14.07 15.30 17.71
CA ASN A 184 12.73 15.80 17.99
C ASN A 184 11.58 14.84 17.91
N ILE A 185 11.70 13.75 17.15
CA ILE A 185 10.53 12.90 16.96
C ILE A 185 9.90 12.56 18.31
N VAL A 186 8.58 12.58 18.35
CA VAL A 186 7.75 12.12 19.43
C VAL A 186 6.74 11.07 18.89
N THR A 187 6.71 9.84 19.42
CA THR A 187 5.76 8.84 18.95
C THR A 187 4.72 8.26 19.92
N ASN A 188 3.73 7.49 19.46
CA ASN A 188 2.79 6.88 20.40
C ASN A 188 2.50 5.40 20.16
N GLY A 189 3.18 4.74 19.24
CA GLY A 189 2.87 3.32 18.96
C GLY A 189 3.74 2.54 19.92
N ALA A 190 4.02 1.27 19.77
CA ALA A 190 4.80 0.51 20.74
C ALA A 190 6.26 0.92 20.73
N TYR A 191 6.73 1.60 19.69
CA TYR A 191 8.15 1.90 19.55
C TYR A 191 8.37 3.41 19.39
N LYS A 192 9.65 3.69 19.57
CA LYS A 192 10.18 5.05 19.45
C LYS A 192 11.46 4.86 18.66
N LEU A 193 11.81 5.91 17.95
CA LEU A 193 12.97 5.87 17.06
C LEU A 193 14.29 6.01 17.79
N LYS A 194 15.18 5.05 17.67
CA LYS A 194 16.51 5.06 18.29
C LYS A 194 17.45 5.76 17.31
N ASN A 195 17.80 5.08 16.19
CA ASN A 195 18.55 5.81 15.18
C ASN A 195 18.03 5.53 13.76
N TRP A 196 18.43 6.48 12.93
CA TRP A 196 18.11 6.54 11.54
C TRP A 196 19.33 7.00 10.75
N VAL A 197 20.04 6.02 10.25
CA VAL A 197 21.15 6.27 9.34
C VAL A 197 20.68 5.93 7.91
N VAL A 198 20.51 6.99 7.14
CA VAL A 198 20.04 6.92 5.77
C VAL A 198 20.84 5.96 4.92
N ASN A 199 20.13 5.14 4.14
CA ASN A 199 20.72 4.15 3.26
C ASN A 199 21.48 3.09 4.02
N GLU A 200 21.28 3.04 5.32
CA GLU A 200 21.93 2.14 6.22
C GLU A 200 20.95 1.43 7.14
N ARG A 201 20.19 2.19 7.95
CA ARG A 201 19.30 1.46 8.85
C ARG A 201 18.46 2.37 9.70
N ILE A 202 17.37 1.76 10.18
CA ILE A 202 16.44 2.45 11.07
C ILE A 202 16.40 1.46 12.22
N VAL A 203 16.51 1.99 13.45
CA VAL A 203 16.58 1.11 14.61
C VAL A 203 15.58 1.70 15.59
N LEU A 204 14.66 0.87 16.07
CA LEU A 204 13.64 1.30 17.02
C LEU A 204 13.81 0.54 18.34
N GLU A 205 13.39 1.18 19.42
CA GLU A 205 13.42 0.54 20.72
C GLU A 205 12.07 0.77 21.40
N ARG A 206 11.76 -0.22 22.23
CA ARG A 206 10.48 -0.19 22.91
C ARG A 206 10.23 1.18 23.52
N ASN A 207 8.96 1.58 23.47
CA ASN A 207 8.45 2.81 24.02
C ASN A 207 7.73 2.51 25.33
N PRO A 208 8.32 2.97 26.42
CA PRO A 208 7.75 2.76 27.76
C PRO A 208 6.45 3.49 27.99
N GLN A 209 6.03 4.52 27.24
CA GLN A 209 4.74 5.12 27.49
C GLN A 209 3.61 4.30 26.88
N TYR A 210 3.93 3.34 26.01
CA TYR A 210 2.87 2.65 25.29
C TYR A 210 1.88 1.93 26.18
N TRP A 211 0.60 2.21 25.94
CA TRP A 211 -0.49 1.59 26.69
C TRP A 211 -0.51 0.07 26.73
N ASP A 212 -0.05 -0.68 25.75
CA ASP A 212 0.03 -2.12 25.78
C ASP A 212 1.50 -2.55 25.98
N ASN A 213 2.31 -1.64 26.53
CA ASN A 213 3.74 -1.94 26.75
C ASN A 213 3.96 -3.26 27.46
N ALA A 214 3.20 -3.61 28.49
CA ALA A 214 3.25 -4.88 29.19
C ALA A 214 3.20 -6.12 28.30
N LYS A 215 2.55 -6.04 27.13
CA LYS A 215 2.44 -7.15 26.20
C LYS A 215 3.54 -7.19 25.16
N THR A 216 4.16 -6.03 24.96
CA THR A 216 5.26 -5.85 24.02
C THR A 216 6.37 -6.74 24.53
N VAL A 217 7.04 -7.40 23.58
CA VAL A 217 8.12 -8.31 23.92
C VAL A 217 9.42 -7.86 23.28
N ILE A 218 9.48 -7.65 21.96
CA ILE A 218 10.73 -7.33 21.28
C ILE A 218 11.21 -5.98 21.77
N ASN A 219 12.51 -5.87 22.06
CA ASN A 219 12.99 -4.63 22.65
C ASN A 219 13.57 -3.69 21.61
N GLN A 220 14.33 -4.28 20.70
CA GLN A 220 14.91 -3.50 19.62
C GLN A 220 14.51 -4.12 18.27
N VAL A 221 14.26 -3.27 17.30
CA VAL A 221 14.03 -3.74 15.94
C VAL A 221 14.82 -2.83 14.99
N THR A 222 15.49 -3.49 14.07
CA THR A 222 16.21 -2.76 13.02
C THR A 222 15.53 -2.98 11.66
N TYR A 223 15.33 -1.88 10.96
CA TYR A 223 14.73 -1.99 9.61
C TYR A 223 15.80 -1.66 8.58
N LEU A 224 16.09 -2.56 7.66
CA LEU A 224 17.11 -2.35 6.65
C LEU A 224 16.49 -1.91 5.32
N PRO A 225 17.21 -1.16 4.50
CA PRO A 225 16.73 -0.56 3.28
C PRO A 225 17.29 -1.21 2.03
N ILE A 226 17.44 -2.52 2.06
CA ILE A 226 18.10 -3.24 0.97
C ILE A 226 17.21 -3.50 -0.21
N SER A 227 17.51 -2.90 -1.37
CA SER A 227 16.59 -3.08 -2.50
C SER A 227 16.96 -4.20 -3.43
N SER A 228 18.10 -4.82 -3.19
CA SER A 228 18.51 -5.97 -4.02
C SER A 228 17.86 -7.20 -3.42
N GLU A 229 17.09 -7.98 -4.16
CA GLU A 229 16.49 -9.16 -3.57
C GLU A 229 17.50 -10.28 -3.30
N VAL A 230 18.48 -10.45 -4.14
CA VAL A 230 19.53 -11.49 -3.97
C VAL A 230 20.33 -11.22 -2.70
N THR A 231 20.75 -9.98 -2.49
CA THR A 231 21.40 -9.59 -1.26
C THR A 231 20.52 -9.86 -0.04
N ASP A 232 19.25 -9.44 -0.04
CA ASP A 232 18.35 -9.74 1.07
C ASP A 232 18.38 -11.25 1.38
N VAL A 233 18.15 -12.14 0.41
CA VAL A 233 18.13 -13.59 0.72
C VAL A 233 19.50 -14.04 1.23
N ASN A 234 20.57 -13.58 0.58
CA ASN A 234 21.93 -13.91 1.01
C ASN A 234 22.20 -13.45 2.43
N ARG A 235 22.05 -12.17 2.79
CA ARG A 235 22.27 -11.74 4.16
C ARG A 235 21.34 -12.43 5.14
N TYR A 236 20.18 -12.91 4.73
CA TYR A 236 19.29 -13.71 5.56
C TYR A 236 19.97 -15.07 5.81
N ARG A 237 20.43 -15.70 4.75
CA ARG A 237 21.03 -17.03 4.74
C ARG A 237 22.39 -17.12 5.42
N SER A 238 23.02 -15.97 5.60
CA SER A 238 24.25 -15.74 6.31
C SER A 238 23.95 -15.50 7.78
N GLY A 239 22.67 -15.36 8.17
CA GLY A 239 22.33 -15.12 9.56
C GLY A 239 22.26 -13.68 9.99
N GLU A 240 22.50 -12.70 9.12
CA GLU A 240 22.39 -11.28 9.48
C GLU A 240 20.95 -10.74 9.49
N ILE A 241 19.99 -11.38 8.83
CA ILE A 241 18.62 -10.81 8.81
C ILE A 241 17.61 -11.87 9.19
N ASP A 242 16.66 -11.59 10.03
CA ASP A 242 15.61 -12.49 10.48
C ASP A 242 14.40 -12.63 9.55
N MET A 243 14.06 -11.50 8.86
CA MET A 243 12.90 -11.59 7.96
C MET A 243 13.18 -10.71 6.75
N THR A 244 13.17 -11.30 5.56
CA THR A 244 13.44 -10.47 4.38
C THR A 244 12.25 -9.52 4.06
N TYR A 245 12.47 -8.70 3.02
CA TYR A 245 11.33 -7.96 2.47
C TYR A 245 10.46 -8.97 1.70
N ASN A 246 9.21 -8.65 1.34
CA ASN A 246 8.43 -9.65 0.60
C ASN A 246 8.44 -9.47 -0.91
N ASN A 247 9.59 -9.38 -1.53
CA ASN A 247 9.84 -9.45 -2.95
C ASN A 247 10.89 -10.57 -3.04
N MET A 248 10.66 -11.68 -3.66
CA MET A 248 11.63 -12.77 -3.79
C MET A 248 12.31 -12.73 -5.14
N PRO A 249 13.59 -13.05 -5.22
CA PRO A 249 14.33 -13.04 -6.48
C PRO A 249 13.92 -14.23 -7.30
N ILE A 250 13.85 -14.07 -8.60
CA ILE A 250 13.43 -15.13 -9.50
C ILE A 250 14.48 -16.25 -9.47
N GLU A 251 15.72 -15.80 -9.41
CA GLU A 251 16.95 -16.51 -9.37
C GLU A 251 17.05 -17.66 -8.37
N LEU A 252 17.06 -17.37 -7.09
CA LEU A 252 17.20 -18.37 -6.04
C LEU A 252 15.91 -18.85 -5.44
N PHE A 253 14.75 -18.58 -6.03
CA PHE A 253 13.51 -18.95 -5.36
C PHE A 253 13.27 -20.44 -5.29
N GLN A 254 13.16 -21.13 -6.42
CA GLN A 254 12.84 -22.57 -6.33
C GLN A 254 13.95 -23.30 -5.56
N LYS A 255 15.19 -22.84 -5.63
CA LYS A 255 16.29 -23.37 -4.86
C LYS A 255 15.89 -23.36 -3.39
N LEU A 256 15.76 -22.16 -2.82
CA LEU A 256 15.39 -21.98 -1.41
C LEU A 256 14.21 -22.85 -1.01
N LYS A 257 13.20 -22.92 -1.86
CA LYS A 257 12.05 -23.82 -1.68
C LYS A 257 12.46 -25.25 -1.35
N LYS A 258 13.52 -25.78 -1.95
CA LYS A 258 13.98 -27.14 -1.64
C LYS A 258 14.80 -27.21 -0.37
N GLU A 259 15.79 -26.38 -0.16
CA GLU A 259 16.60 -26.36 1.05
C GLU A 259 15.95 -25.93 2.34
N ILE A 260 15.09 -24.92 2.41
CA ILE A 260 14.43 -24.48 3.63
C ILE A 260 12.95 -24.23 3.55
N PRO A 261 12.17 -25.14 3.01
CA PRO A 261 10.74 -25.04 2.84
C PRO A 261 9.94 -24.40 3.94
N ASN A 262 10.21 -24.59 5.22
CA ASN A 262 9.35 -23.99 6.25
C ASN A 262 9.74 -22.55 6.59
N GLU A 263 10.76 -22.01 5.95
CA GLU A 263 11.18 -20.63 6.10
C GLU A 263 10.64 -19.83 4.90
N VAL A 264 10.14 -20.59 3.92
CA VAL A 264 9.52 -20.00 2.74
C VAL A 264 8.03 -19.80 2.93
N ARG A 265 7.64 -18.58 3.34
CA ARG A 265 6.19 -18.37 3.60
C ARG A 265 5.52 -17.75 2.39
N VAL A 266 4.50 -18.41 1.89
CA VAL A 266 3.74 -18.05 0.73
C VAL A 266 2.27 -18.01 1.07
N ASP A 267 1.72 -16.78 1.12
CA ASP A 267 0.31 -16.56 1.46
C ASP A 267 -0.36 -15.56 0.51
N PRO A 268 -1.68 -15.61 0.48
CA PRO A 268 -2.51 -14.70 -0.29
C PRO A 268 -2.19 -13.27 0.16
N TYR A 269 -2.06 -12.40 -0.86
CA TYR A 269 -1.75 -11.02 -0.67
C TYR A 269 -2.69 -10.14 -1.50
N LEU A 270 -3.30 -9.12 -0.92
CA LEU A 270 -4.19 -8.26 -1.73
C LEU A 270 -3.47 -7.12 -2.45
N CYS A 271 -2.70 -7.41 -3.49
CA CYS A 271 -1.88 -6.51 -4.25
C CYS A 271 -1.93 -6.99 -5.70
N THR A 272 -1.82 -6.04 -6.64
CA THR A 272 -1.86 -6.26 -8.06
C THR A 272 -0.56 -5.68 -8.64
N TYR A 273 0.05 -6.43 -9.56
CA TYR A 273 1.24 -5.98 -10.22
C TYR A 273 0.77 -5.51 -11.59
N TYR A 274 1.20 -4.29 -12.00
CA TYR A 274 0.68 -3.89 -13.31
C TYR A 274 1.66 -2.87 -13.95
N TYR A 275 1.50 -2.63 -15.25
CA TYR A 275 2.23 -1.57 -15.90
C TYR A 275 1.26 -0.38 -15.97
N GLU A 276 1.63 0.65 -15.19
CA GLU A 276 0.90 1.88 -15.16
C GLU A 276 1.21 2.70 -16.44
N ILE A 277 0.22 3.16 -17.21
CA ILE A 277 0.44 3.97 -18.37
C ILE A 277 0.12 5.44 -18.03
N ASN A 278 0.85 6.40 -18.57
CA ASN A 278 0.53 7.81 -18.21
C ASN A 278 -0.60 8.19 -19.17
N ASN A 279 -1.85 8.18 -18.72
CA ASN A 279 -2.97 8.34 -19.64
C ASN A 279 -3.08 9.76 -20.29
N GLN A 280 -2.40 10.75 -19.80
CA GLN A 280 -2.38 12.10 -20.27
C GLN A 280 -1.34 12.39 -21.34
N LYS A 281 -0.36 11.55 -21.61
CA LYS A 281 0.63 11.83 -22.60
C LYS A 281 0.48 11.14 -23.96
N ALA A 282 0.49 11.88 -25.05
CA ALA A 282 0.41 11.27 -26.37
C ALA A 282 1.60 10.39 -26.55
N PRO A 283 1.54 9.25 -27.22
CA PRO A 283 0.31 8.73 -27.79
C PRO A 283 -0.42 7.81 -26.80
N PHE A 284 -0.12 7.80 -25.49
CA PHE A 284 -0.92 6.94 -24.58
C PHE A 284 -2.26 7.52 -24.21
N ASN A 285 -2.59 8.74 -24.58
CA ASN A 285 -3.96 9.22 -24.44
C ASN A 285 -4.80 8.56 -25.53
N ASP A 286 -4.29 7.77 -26.42
CA ASP A 286 -5.12 7.00 -27.35
C ASP A 286 -5.45 5.58 -26.80
N VAL A 287 -6.73 5.27 -26.65
CA VAL A 287 -7.24 3.99 -26.19
C VAL A 287 -6.76 2.81 -27.00
N ARG A 288 -6.48 2.94 -28.29
CA ARG A 288 -5.99 1.86 -29.13
C ARG A 288 -4.58 1.48 -28.73
N VAL A 289 -3.70 2.46 -28.52
CA VAL A 289 -2.36 2.18 -28.03
C VAL A 289 -2.47 1.53 -26.66
N ARG A 290 -3.23 2.01 -25.69
CA ARG A 290 -3.30 1.38 -24.38
C ARG A 290 -3.77 -0.10 -24.47
N THR A 291 -4.82 -0.34 -25.24
CA THR A 291 -5.36 -1.67 -25.44
C THR A 291 -4.36 -2.58 -26.14
N ALA A 292 -3.65 -2.11 -27.18
CA ALA A 292 -2.68 -2.99 -27.80
C ALA A 292 -1.65 -3.40 -26.75
N LEU A 293 -1.17 -2.50 -25.87
CA LEU A 293 -0.20 -2.93 -24.88
C LEU A 293 -0.81 -3.98 -23.91
N LYS A 294 -2.01 -3.78 -23.43
CA LYS A 294 -2.70 -4.63 -22.55
C LYS A 294 -2.82 -6.08 -23.13
N LEU A 295 -3.26 -6.21 -24.37
CA LEU A 295 -3.52 -7.41 -25.03
C LEU A 295 -2.29 -8.21 -25.41
N ALA A 296 -1.22 -7.60 -25.81
CA ALA A 296 -0.04 -8.23 -26.34
C ALA A 296 0.88 -8.66 -25.24
N LEU A 297 0.65 -8.28 -23.98
CA LEU A 297 1.55 -8.78 -22.93
C LEU A 297 1.14 -10.25 -22.68
N ASP A 298 2.08 -11.20 -22.62
CA ASP A 298 1.58 -12.59 -22.44
C ASP A 298 1.71 -12.98 -20.98
N ARG A 299 0.59 -13.02 -20.26
CA ARG A 299 0.67 -13.22 -18.82
C ARG A 299 1.11 -14.62 -18.36
N ASP A 300 0.78 -15.61 -19.15
CA ASP A 300 1.14 -17.01 -18.88
C ASP A 300 2.67 -17.09 -18.81
N ILE A 301 3.30 -16.48 -19.82
CA ILE A 301 4.75 -16.49 -19.88
C ILE A 301 5.25 -15.76 -18.66
N ILE A 302 4.67 -14.57 -18.36
CA ILE A 302 5.37 -13.89 -17.23
C ILE A 302 5.15 -14.64 -15.92
N VAL A 303 3.91 -14.98 -15.64
CA VAL A 303 3.59 -15.52 -14.31
C VAL A 303 4.02 -16.96 -14.17
N ASN A 304 3.65 -17.85 -15.07
CA ASN A 304 4.03 -19.24 -14.99
C ASN A 304 5.38 -19.57 -15.58
N LYS A 305 6.04 -18.86 -16.48
CA LYS A 305 7.35 -19.29 -16.97
C LYS A 305 8.49 -18.42 -16.54
N VAL A 306 8.38 -17.11 -16.35
CA VAL A 306 9.57 -16.37 -15.92
C VAL A 306 9.54 -16.15 -14.43
N LYS A 307 8.44 -15.86 -13.76
CA LYS A 307 8.48 -15.69 -12.29
C LYS A 307 8.17 -17.02 -11.59
N ASN A 308 7.10 -17.69 -11.98
CA ASN A 308 6.73 -18.95 -11.36
C ASN A 308 6.79 -18.97 -9.86
N GLN A 309 6.13 -18.06 -9.14
CA GLN A 309 6.24 -18.10 -7.66
C GLN A 309 4.88 -18.27 -7.06
N GLY A 310 3.91 -18.74 -7.85
CA GLY A 310 2.56 -18.83 -7.44
C GLY A 310 1.60 -17.65 -7.68
N ASP A 311 2.03 -16.58 -8.34
CA ASP A 311 1.21 -15.39 -8.56
C ASP A 311 0.04 -15.74 -9.43
N LEU A 312 -1.08 -15.05 -9.41
CA LEU A 312 -2.12 -15.40 -10.40
C LEU A 312 -2.13 -14.37 -11.52
N PRO A 313 -2.39 -14.78 -12.74
CA PRO A 313 -2.49 -13.91 -13.92
C PRO A 313 -3.67 -12.94 -13.79
N ALA A 314 -3.45 -11.65 -14.07
CA ALA A 314 -4.52 -10.69 -13.80
C ALA A 314 -5.22 -10.10 -15.00
N TYR A 315 -6.50 -9.86 -14.82
CA TYR A 315 -7.40 -9.30 -15.84
C TYR A 315 -8.10 -8.10 -15.21
N SER A 316 -7.78 -7.65 -14.02
CA SER A 316 -8.52 -6.52 -13.40
C SER A 316 -7.57 -5.74 -12.47
N TYR A 317 -8.01 -4.58 -11.94
CA TYR A 317 -7.15 -3.85 -11.01
C TYR A 317 -7.35 -4.45 -9.61
N THR A 318 -8.63 -4.41 -9.20
CA THR A 318 -8.99 -4.99 -7.89
C THR A 318 -8.84 -6.54 -7.93
N PRO A 319 -8.13 -7.15 -7.02
CA PRO A 319 -7.94 -8.58 -6.96
C PRO A 319 -9.31 -9.18 -6.71
N PRO A 320 -9.64 -10.21 -7.48
CA PRO A 320 -10.94 -10.84 -7.41
C PRO A 320 -11.26 -11.49 -6.07
N TYR A 321 -10.26 -11.78 -5.25
CA TYR A 321 -10.47 -12.34 -3.95
C TYR A 321 -10.53 -11.25 -2.90
N THR A 322 -10.73 -9.98 -3.27
CA THR A 322 -11.03 -8.92 -2.32
C THR A 322 -12.42 -9.17 -1.67
N ASP A 323 -12.56 -8.86 -0.39
CA ASP A 323 -13.93 -8.99 0.21
C ASP A 323 -14.90 -8.06 -0.43
N GLY A 324 -16.01 -8.51 -0.96
CA GLY A 324 -17.02 -7.75 -1.67
C GLY A 324 -16.80 -7.71 -3.18
N ALA A 325 -15.68 -8.29 -3.69
CA ALA A 325 -15.60 -8.21 -5.14
C ALA A 325 -16.34 -9.34 -5.82
N LYS A 326 -16.94 -9.08 -6.98
CA LYS A 326 -17.61 -10.05 -7.80
C LYS A 326 -17.36 -9.65 -9.24
N LEU A 327 -16.17 -9.90 -9.73
CA LEU A 327 -15.74 -9.45 -11.02
C LEU A 327 -16.05 -10.38 -12.18
N VAL A 328 -16.34 -9.73 -13.31
CA VAL A 328 -16.50 -10.42 -14.56
C VAL A 328 -15.20 -10.45 -15.37
N GLU A 329 -14.77 -11.58 -15.83
CA GLU A 329 -13.59 -11.70 -16.67
C GLU A 329 -13.96 -11.19 -18.07
N PRO A 330 -13.14 -10.33 -18.62
CA PRO A 330 -13.53 -9.75 -19.90
C PRO A 330 -13.29 -10.79 -20.98
N GLU A 331 -13.88 -10.59 -22.15
CA GLU A 331 -13.62 -11.42 -23.30
C GLU A 331 -12.17 -11.64 -23.64
N TRP A 332 -11.35 -10.58 -23.66
CA TRP A 332 -10.02 -10.56 -24.20
C TRP A 332 -9.15 -11.55 -23.46
N PHE A 333 -9.39 -11.63 -22.16
CA PHE A 333 -8.73 -12.58 -21.31
C PHE A 333 -9.15 -14.06 -21.62
N LYS A 334 -10.30 -14.30 -22.24
CA LYS A 334 -10.64 -15.64 -22.65
C LYS A 334 -10.06 -16.11 -23.98
N TRP A 335 -9.62 -15.20 -24.84
CA TRP A 335 -9.03 -15.57 -26.11
C TRP A 335 -7.71 -16.30 -25.89
N SER A 336 -7.05 -16.73 -26.94
CA SER A 336 -5.73 -17.27 -26.85
C SER A 336 -4.82 -16.02 -26.98
N GLN A 337 -3.54 -16.27 -26.67
CA GLN A 337 -2.59 -15.20 -26.85
C GLN A 337 -2.51 -14.77 -28.31
N GLN A 338 -2.43 -15.68 -29.29
CA GLN A 338 -2.32 -15.34 -30.69
C GLN A 338 -3.45 -14.45 -31.18
N LYS A 339 -4.66 -14.70 -30.75
CA LYS A 339 -5.84 -13.91 -31.06
C LYS A 339 -5.66 -12.50 -30.40
N ARG A 340 -5.32 -12.40 -29.12
CA ARG A 340 -4.96 -11.12 -28.50
C ARG A 340 -3.84 -10.40 -29.31
N ASN A 341 -2.79 -11.10 -29.73
CA ASN A 341 -1.72 -10.49 -30.50
C ASN A 341 -2.15 -9.91 -31.87
N GLU A 342 -2.95 -10.60 -32.67
CA GLU A 342 -3.51 -10.18 -33.91
C GLU A 342 -4.30 -8.89 -33.66
N GLU A 343 -5.11 -8.99 -32.59
CA GLU A 343 -5.97 -7.83 -32.32
C GLU A 343 -5.16 -6.60 -31.88
N ALA A 344 -4.03 -6.82 -31.22
CA ALA A 344 -3.15 -5.77 -30.78
C ALA A 344 -2.38 -5.16 -31.97
N LYS A 345 -1.90 -5.93 -32.92
CA LYS A 345 -1.25 -5.36 -34.11
C LYS A 345 -2.23 -4.55 -34.95
N LYS A 346 -3.46 -5.01 -35.06
CA LYS A 346 -4.42 -4.15 -35.77
C LYS A 346 -4.78 -2.88 -35.00
N LEU A 347 -4.87 -2.85 -33.64
CA LEU A 347 -5.24 -1.53 -33.06
C LEU A 347 -4.08 -0.54 -33.21
N LEU A 348 -2.82 -0.98 -33.17
CA LEU A 348 -1.68 -0.14 -33.30
C LEU A 348 -1.59 0.45 -34.70
N ALA A 349 -1.67 -0.42 -35.72
CA ALA A 349 -1.59 -0.02 -37.11
C ALA A 349 -2.68 1.03 -37.31
N GLU A 350 -3.86 0.84 -36.78
CA GLU A 350 -4.92 1.82 -36.90
C GLU A 350 -4.55 3.16 -36.25
N ALA A 351 -3.72 3.19 -35.22
CA ALA A 351 -3.33 4.41 -34.52
C ALA A 351 -2.08 5.02 -35.15
N GLY A 352 -1.64 4.42 -36.27
CA GLY A 352 -0.55 4.91 -37.05
C GLY A 352 0.80 4.29 -36.80
N PHE A 353 0.87 3.17 -36.06
CA PHE A 353 2.19 2.57 -35.84
C PHE A 353 2.31 1.20 -36.51
N THR A 354 3.46 1.06 -37.18
CA THR A 354 3.90 -0.12 -37.91
C THR A 354 5.34 -0.54 -37.65
N ALA A 355 6.14 -0.71 -38.72
CA ALA A 355 7.57 -1.02 -38.66
C ALA A 355 8.34 0.12 -39.33
N PRO A 358 7.24 2.37 -35.78
CA PRO A 358 7.22 1.64 -34.51
C PRO A 358 7.03 2.59 -33.34
N LEU A 359 6.22 2.13 -32.43
CA LEU A 359 5.99 2.75 -31.15
C LEU A 359 7.31 2.53 -30.39
N THR A 360 7.85 3.61 -29.82
CA THR A 360 9.03 3.68 -28.98
C THR A 360 8.69 4.45 -27.69
N PHE A 361 9.15 4.01 -26.52
CA PHE A 361 8.77 4.67 -25.28
C PHE A 361 9.65 4.13 -24.16
N ASP A 362 9.62 4.86 -23.07
CA ASP A 362 10.42 4.43 -21.92
C ASP A 362 9.64 3.59 -20.90
N LEU A 363 10.25 2.59 -20.29
CA LEU A 363 9.64 1.78 -19.27
C LEU A 363 10.50 1.95 -18.00
N LEU A 364 9.85 2.60 -17.04
CA LEU A 364 10.44 2.85 -15.75
C LEU A 364 10.04 1.88 -14.63
N TYR A 365 11.11 1.51 -13.92
CA TYR A 365 11.00 0.63 -12.77
C TYR A 365 11.85 1.19 -11.61
N ASN A 366 11.48 0.68 -10.43
CA ASN A 366 12.24 1.08 -9.25
C ASN A 366 13.36 0.06 -9.09
N THR A 367 14.57 0.51 -8.84
CA THR A 367 15.74 -0.38 -8.65
C THR A 367 15.46 -1.68 -7.92
N SER A 368 15.69 -2.79 -8.56
CA SER A 368 15.36 -4.08 -7.93
C SER A 368 15.75 -5.23 -8.85
N ASP A 369 16.19 -6.36 -8.30
CA ASP A 369 16.55 -7.46 -9.18
C ASP A 369 15.30 -8.10 -9.75
N LEU A 370 14.23 -8.18 -8.97
CA LEU A 370 13.01 -8.75 -9.53
C LEU A 370 12.44 -7.92 -10.68
N HIS A 371 12.35 -6.60 -10.54
CA HIS A 371 11.65 -5.77 -11.51
C HIS A 371 12.36 -5.60 -12.84
N LYS A 372 13.66 -5.51 -12.69
CA LYS A 372 14.58 -5.43 -13.84
C LYS A 372 14.43 -6.69 -14.69
N LYS A 373 14.37 -7.84 -14.04
CA LYS A 373 14.11 -9.09 -14.71
C LYS A 373 12.77 -9.07 -15.42
N LEU A 374 11.69 -8.74 -14.70
CA LEU A 374 10.39 -8.71 -15.44
C LEU A 374 10.41 -7.56 -16.44
N ALA A 375 11.10 -6.43 -16.20
CA ALA A 375 11.03 -5.40 -17.24
C ALA A 375 11.63 -5.88 -18.55
N ILE A 376 12.77 -6.58 -18.51
CA ILE A 376 13.48 -7.09 -19.72
C ILE A 376 12.59 -8.12 -20.38
N ALA A 377 12.04 -9.03 -19.57
CA ALA A 377 11.07 -9.99 -20.11
C ALA A 377 9.92 -9.33 -20.83
N VAL A 378 9.30 -8.28 -20.28
CA VAL A 378 8.16 -7.58 -20.90
C VAL A 378 8.61 -6.79 -22.13
N ALA A 379 9.77 -6.17 -22.05
CA ALA A 379 10.30 -5.46 -23.21
C ALA A 379 10.50 -6.42 -24.41
N SER A 380 11.02 -7.62 -24.14
CA SER A 380 11.13 -8.62 -25.21
C SER A 380 9.77 -9.11 -25.66
N ILE A 381 8.82 -9.32 -24.74
CA ILE A 381 7.51 -9.83 -25.20
C ILE A 381 6.86 -8.75 -26.06
N TRP A 382 6.82 -7.48 -25.63
CA TRP A 382 6.21 -6.40 -26.44
C TRP A 382 6.96 -6.20 -27.76
N LYS A 383 8.26 -6.39 -27.82
CA LYS A 383 9.05 -6.32 -29.06
C LYS A 383 8.58 -7.40 -30.04
N LYS A 384 8.70 -8.65 -29.55
CA LYS A 384 8.25 -9.81 -30.33
C LYS A 384 6.80 -9.73 -30.75
N ASN A 385 5.87 -9.44 -29.79
CA ASN A 385 4.47 -9.51 -30.19
C ASN A 385 3.93 -8.33 -30.96
N LEU A 386 4.63 -7.19 -30.82
CA LEU A 386 4.00 -5.98 -31.37
C LEU A 386 4.95 -5.10 -32.14
N GLY A 387 6.25 -5.35 -32.15
CA GLY A 387 7.19 -4.51 -32.83
C GLY A 387 7.53 -3.22 -32.08
N VAL A 388 7.13 -3.10 -30.81
CA VAL A 388 7.39 -1.85 -30.10
C VAL A 388 8.79 -1.90 -29.51
N ASN A 389 9.53 -0.82 -29.54
CA ASN A 389 10.82 -0.67 -28.95
C ASN A 389 10.69 0.13 -27.64
N VAL A 390 11.14 -0.52 -26.59
CA VAL A 390 11.10 0.03 -25.27
C VAL A 390 12.42 0.47 -24.71
N ASN A 391 12.61 1.63 -24.10
CA ASN A 391 13.91 1.86 -23.43
C ASN A 391 13.77 1.73 -21.92
N LEU A 392 14.58 0.91 -21.24
CA LEU A 392 14.47 0.72 -19.81
C LEU A 392 15.13 1.83 -19.00
N GLU A 393 14.54 2.33 -17.92
CA GLU A 393 15.08 3.34 -17.06
C GLU A 393 14.82 2.89 -15.63
N ASN A 394 15.67 3.21 -14.69
CA ASN A 394 15.47 2.70 -13.32
C ASN A 394 15.74 3.87 -12.41
N GLN A 395 14.97 3.99 -11.33
CA GLN A 395 15.20 5.10 -10.41
C GLN A 395 15.03 4.44 -9.03
N GLU A 396 15.55 5.10 -8.03
CA GLU A 396 15.43 4.69 -6.66
C GLU A 396 13.99 5.02 -6.19
N TRP A 397 13.51 4.23 -5.25
CA TRP A 397 12.19 4.20 -4.68
C TRP A 397 11.56 5.58 -4.53
N LYS A 398 12.12 6.45 -3.72
CA LYS A 398 11.66 7.79 -3.48
C LYS A 398 11.45 8.59 -4.75
N THR A 399 12.40 8.50 -5.68
CA THR A 399 12.40 9.31 -6.87
C THR A 399 11.36 8.80 -7.87
N PHE A 400 11.36 7.48 -7.99
CA PHE A 400 10.37 6.76 -8.74
C PHE A 400 8.95 7.21 -8.35
N LEU A 401 8.63 7.28 -7.05
CA LEU A 401 7.30 7.69 -6.60
C LEU A 401 7.08 9.12 -7.04
N ASP A 402 8.12 9.97 -6.95
CA ASP A 402 7.92 11.37 -7.30
C ASP A 402 7.69 11.52 -8.79
N THR A 403 8.49 10.79 -9.59
CA THR A 403 8.30 10.84 -11.04
C THR A 403 6.84 10.45 -11.44
N ARG A 404 6.33 9.34 -10.87
CA ARG A 404 4.94 8.95 -11.27
C ARG A 404 3.95 10.04 -10.89
N HIS A 405 3.93 10.57 -9.64
CA HIS A 405 3.05 11.69 -9.34
C HIS A 405 3.19 12.88 -10.28
N GLN A 406 4.41 13.23 -10.67
CA GLN A 406 4.66 14.34 -11.57
C GLN A 406 4.33 14.06 -13.00
N GLY A 407 4.32 12.81 -13.45
CA GLY A 407 3.89 12.64 -14.85
C GLY A 407 5.05 12.59 -15.83
N THR A 408 6.27 12.47 -15.36
CA THR A 408 7.42 12.52 -16.26
C THR A 408 7.94 11.13 -16.57
N PHE A 409 6.99 10.35 -17.09
CA PHE A 409 7.21 8.94 -17.50
C PHE A 409 6.20 8.60 -18.57
N ASP A 410 6.41 7.56 -19.29
CA ASP A 410 5.53 6.97 -20.31
C ASP A 410 4.75 5.79 -19.70
N VAL A 411 5.48 4.76 -19.37
CA VAL A 411 4.94 3.53 -18.77
C VAL A 411 5.86 3.19 -17.60
N ALA A 412 5.28 2.82 -16.47
CA ALA A 412 5.99 2.44 -15.31
C ALA A 412 5.38 1.14 -14.74
N ARG A 413 6.31 0.34 -14.20
CA ARG A 413 5.99 -0.87 -13.47
C ARG A 413 5.35 -0.41 -12.18
N ALA A 414 4.31 -1.05 -11.67
CA ALA A 414 3.67 -0.54 -10.49
C ALA A 414 3.09 -1.70 -9.67
N GLY A 415 2.81 -1.39 -8.40
CA GLY A 415 2.14 -2.41 -7.56
C GLY A 415 1.26 -1.56 -6.58
N TRP A 416 0.02 -1.98 -6.41
CA TRP A 416 -0.83 -1.33 -5.41
C TRP A 416 -1.36 -2.46 -4.52
N CYS A 417 -1.23 -2.29 -3.26
CA CYS A 417 -1.76 -3.15 -2.21
C CYS A 417 -2.93 -2.49 -1.47
N ALA A 418 -4.00 -3.16 -1.12
CA ALA A 418 -5.11 -2.62 -0.34
C ALA A 418 -4.70 -2.00 0.98
N ASP A 419 -5.39 -0.92 1.36
CA ASP A 419 -5.13 -0.29 2.65
C ASP A 419 -6.20 -0.84 3.61
N TYR A 420 -7.33 -1.33 3.07
CA TYR A 420 -8.43 -1.93 3.84
C TYR A 420 -9.08 -2.93 2.91
N ASN A 421 -9.62 -4.03 3.40
CA ASN A 421 -10.14 -5.07 2.51
C ASN A 421 -11.52 -4.84 1.97
N GLU A 422 -11.67 -4.05 0.90
CA GLU A 422 -12.94 -3.64 0.28
C GLU A 422 -12.54 -3.01 -1.03
N PRO A 423 -13.27 -3.28 -2.09
CA PRO A 423 -12.84 -2.86 -3.43
C PRO A 423 -12.57 -1.38 -3.64
N THR A 424 -13.09 -0.43 -2.87
CA THR A 424 -12.80 0.97 -3.08
C THR A 424 -11.37 1.28 -2.65
N SER A 425 -10.73 0.38 -1.88
CA SER A 425 -9.33 0.58 -1.56
C SER A 425 -8.53 0.58 -2.89
N PHE A 426 -8.93 -0.20 -3.87
CA PHE A 426 -8.31 -0.10 -5.18
C PHE A 426 -8.95 1.03 -6.03
N LEU A 427 -10.25 0.89 -6.21
CA LEU A 427 -11.00 1.74 -7.13
C LEU A 427 -10.91 3.24 -6.86
N ASN A 428 -10.81 3.63 -5.60
CA ASN A 428 -10.71 5.06 -5.30
C ASN A 428 -9.45 5.72 -5.84
N THR A 429 -8.40 4.97 -6.16
CA THR A 429 -7.16 5.56 -6.65
C THR A 429 -7.29 5.91 -8.12
N MET A 430 -8.36 5.54 -8.79
CA MET A 430 -8.56 5.85 -10.20
C MET A 430 -9.57 6.99 -10.33
N LEU A 431 -10.05 7.57 -9.23
CA LEU A 431 -10.94 8.73 -9.35
C LEU A 431 -10.14 9.89 -9.93
N SER A 432 -10.67 10.74 -10.74
CA SER A 432 -10.04 11.85 -11.42
C SER A 432 -9.22 12.72 -10.48
N ASP A 433 -9.79 13.05 -9.31
CA ASP A 433 -9.07 13.92 -8.43
C ASP A 433 -8.32 13.17 -7.35
N SER A 434 -8.15 11.82 -7.46
CA SER A 434 -7.48 11.19 -6.33
C SER A 434 -6.04 11.65 -6.19
N SER A 435 -5.57 11.87 -4.94
CA SER A 435 -4.13 12.14 -4.81
C SER A 435 -3.30 10.88 -5.16
N ASN A 436 -3.82 9.64 -5.20
CA ASN A 436 -3.07 8.44 -5.56
C ASN A 436 -3.18 7.94 -7.01
N ASN A 437 -3.77 8.78 -7.83
CA ASN A 437 -3.95 8.59 -9.24
C ASN A 437 -2.68 8.92 -10.00
N THR A 438 -1.70 8.02 -9.94
CA THR A 438 -0.45 8.20 -10.64
C THR A 438 -0.61 7.70 -12.08
N ALA A 439 -1.70 7.01 -12.43
CA ALA A 439 -1.96 6.73 -13.86
C ALA A 439 -2.44 8.03 -14.53
N HIS A 440 -2.90 9.07 -13.84
CA HIS A 440 -3.41 10.30 -14.46
C HIS A 440 -4.63 9.97 -15.30
N TYR A 441 -5.45 8.95 -14.90
CA TYR A 441 -6.65 8.62 -15.66
C TYR A 441 -7.82 9.52 -15.21
N LYS A 442 -8.61 10.04 -16.14
CA LYS A 442 -9.76 10.89 -15.77
C LYS A 442 -10.98 10.46 -16.56
N SER A 443 -11.95 9.87 -15.87
CA SER A 443 -13.16 9.47 -16.59
C SER A 443 -14.38 9.78 -15.75
N PRO A 444 -15.18 10.73 -16.24
CA PRO A 444 -16.43 11.08 -15.57
C PRO A 444 -17.32 9.86 -15.41
N ALA A 445 -17.34 8.91 -16.33
CA ALA A 445 -18.18 7.71 -16.16
C ALA A 445 -17.68 6.88 -15.01
N PHE A 446 -16.34 6.71 -14.86
CA PHE A 446 -15.80 5.94 -13.75
C PHE A 446 -16.19 6.59 -12.45
N ASP A 447 -16.00 7.87 -12.31
CA ASP A 447 -16.23 8.63 -11.08
C ASP A 447 -17.66 8.50 -10.56
N LYS A 448 -18.58 8.55 -11.50
CA LYS A 448 -20.02 8.52 -11.21
C LYS A 448 -20.37 7.12 -10.78
N LEU A 449 -19.74 6.08 -11.32
CA LEU A 449 -20.04 4.73 -10.80
C LEU A 449 -19.60 4.56 -9.37
N ILE A 450 -18.48 5.17 -8.99
CA ILE A 450 -18.00 5.01 -7.63
C ILE A 450 -18.83 5.85 -6.70
N ALA A 451 -19.09 7.09 -7.13
CA ALA A 451 -19.94 7.94 -6.24
C ALA A 451 -21.32 7.34 -6.04
N ASP A 452 -21.97 6.60 -6.94
CA ASP A 452 -23.24 5.98 -6.75
C ASP A 452 -23.15 4.86 -5.73
N THR A 453 -21.93 4.36 -5.46
CA THR A 453 -21.81 3.19 -4.59
C THR A 453 -22.07 3.57 -3.15
N LEU A 454 -21.92 4.86 -2.85
CA LEU A 454 -22.23 5.33 -1.52
C LEU A 454 -23.69 5.75 -1.32
N LYS A 455 -24.53 5.61 -2.33
CA LYS A 455 -25.91 5.98 -2.30
C LYS A 455 -26.82 4.74 -2.43
N VAL A 456 -26.26 3.57 -2.63
CA VAL A 456 -27.15 2.42 -2.82
C VAL A 456 -27.66 2.11 -1.42
N ALA A 457 -28.66 1.28 -1.32
CA ALA A 457 -29.24 0.90 -0.04
C ALA A 457 -28.60 -0.37 0.50
N ASP A 458 -28.16 -1.21 -0.40
CA ASP A 458 -27.69 -2.56 -0.20
C ASP A 458 -26.33 -2.92 -0.79
N ASP A 459 -25.66 -3.84 -0.11
CA ASP A 459 -24.37 -4.38 -0.47
C ASP A 459 -24.34 -5.13 -1.81
N THR A 460 -25.42 -5.76 -2.24
CA THR A 460 -25.44 -6.47 -3.52
C THR A 460 -25.36 -5.55 -4.72
N GLN A 461 -26.05 -4.44 -4.60
CA GLN A 461 -26.16 -3.33 -5.50
C GLN A 461 -24.73 -2.72 -5.57
N ARG A 462 -24.14 -2.64 -4.41
CA ARG A 462 -22.81 -2.10 -4.25
C ARG A 462 -21.75 -2.88 -5.04
N SER A 463 -21.81 -4.23 -4.94
CA SER A 463 -20.92 -5.10 -5.65
C SER A 463 -21.16 -5.11 -7.14
N GLU A 464 -22.38 -4.92 -7.59
CA GLU A 464 -22.59 -4.78 -9.04
C GLU A 464 -21.99 -3.47 -9.53
N LEU A 465 -22.08 -2.36 -8.84
CA LEU A 465 -21.38 -1.15 -9.32
C LEU A 465 -19.84 -1.32 -9.29
N TYR A 466 -19.26 -2.03 -8.31
CA TYR A 466 -17.81 -2.30 -8.31
C TYR A 466 -17.48 -3.09 -9.58
N ALA A 467 -18.28 -4.08 -10.01
CA ALA A 467 -17.97 -4.86 -11.19
C ALA A 467 -18.06 -3.96 -12.45
N LYS A 468 -19.06 -3.06 -12.43
CA LYS A 468 -19.14 -2.20 -13.64
C LYS A 468 -17.99 -1.20 -13.66
N ALA A 469 -17.52 -0.70 -12.57
CA ALA A 469 -16.38 0.21 -12.52
C ALA A 469 -15.12 -0.49 -13.04
N GLU A 470 -14.87 -1.76 -12.71
CA GLU A 470 -13.74 -2.50 -13.22
C GLU A 470 -13.89 -2.67 -14.72
N GLN A 471 -15.12 -2.88 -15.17
CA GLN A 471 -15.29 -2.98 -16.65
C GLN A 471 -15.08 -1.61 -17.33
N GLN A 472 -15.46 -0.51 -16.66
CA GLN A 472 -15.21 0.79 -17.30
C GLN A 472 -13.70 1.10 -17.45
N LEU A 473 -12.94 0.67 -16.49
CA LEU A 473 -11.47 0.81 -16.40
C LEU A 473 -10.79 -0.07 -17.41
N ASP A 474 -11.27 -1.33 -17.53
CA ASP A 474 -10.82 -2.22 -18.58
C ASP A 474 -11.21 -1.74 -19.95
N LYS A 475 -12.44 -1.20 -20.16
CA LYS A 475 -12.66 -0.79 -21.57
C LYS A 475 -11.80 0.45 -21.87
N ASP A 476 -11.46 1.29 -20.90
CA ASP A 476 -10.51 2.38 -21.13
C ASP A 476 -9.06 1.94 -21.21
N SER A 477 -8.78 0.66 -20.85
CA SER A 477 -7.45 0.16 -20.72
C SER A 477 -6.55 1.23 -20.05
N ALA A 478 -6.94 1.68 -18.90
CA ALA A 478 -6.21 2.69 -18.11
C ALA A 478 -4.83 2.15 -17.73
N ILE A 479 -4.76 0.87 -17.33
CA ILE A 479 -3.51 0.21 -16.98
C ILE A 479 -3.28 -1.14 -17.69
N VAL A 480 -2.14 -1.80 -17.45
CA VAL A 480 -1.93 -3.16 -17.98
C VAL A 480 -1.79 -4.15 -16.81
N PRO A 481 -2.87 -4.81 -16.46
CA PRO A 481 -2.87 -5.76 -15.32
C PRO A 481 -1.96 -6.90 -15.60
N VAL A 482 -1.05 -7.24 -14.70
CA VAL A 482 -0.09 -8.32 -14.93
C VAL A 482 -0.36 -9.53 -14.03
N TYR A 483 -0.32 -9.38 -12.70
CA TYR A 483 -0.60 -10.52 -11.83
C TYR A 483 -1.12 -10.05 -10.45
N TYR A 484 -1.87 -10.92 -9.80
CA TYR A 484 -2.26 -10.69 -8.40
C TYR A 484 -1.20 -11.35 -7.54
N TYR A 485 -0.54 -10.65 -6.65
CA TYR A 485 0.54 -11.18 -5.88
C TYR A 485 0.23 -12.30 -4.87
N VAL A 486 1.28 -13.04 -4.51
CA VAL A 486 1.35 -13.89 -3.34
C VAL A 486 2.33 -13.10 -2.47
N ASN A 487 2.19 -13.23 -1.17
CA ASN A 487 3.13 -12.59 -0.24
C ASN A 487 4.23 -13.63 0.05
N ALA A 488 5.36 -13.59 -0.62
CA ALA A 488 6.48 -14.53 -0.41
C ALA A 488 7.64 -13.85 0.31
N ARG A 489 8.00 -14.36 1.48
CA ARG A 489 9.17 -13.93 2.21
C ARG A 489 9.75 -15.14 3.00
N LEU A 490 10.90 -14.86 3.59
CA LEU A 490 11.60 -15.83 4.43
C LEU A 490 11.60 -15.30 5.86
N VAL A 491 11.08 -16.12 6.76
CA VAL A 491 11.05 -15.81 8.18
C VAL A 491 11.77 -16.93 8.95
N LYS A 492 12.72 -16.53 9.81
CA LYS A 492 13.48 -17.54 10.56
C LYS A 492 12.53 -18.32 11.44
N PRO A 493 12.94 -19.55 11.76
CA PRO A 493 12.15 -20.46 12.58
C PRO A 493 11.92 -19.89 13.98
N TRP A 494 12.86 -19.08 14.48
CA TRP A 494 12.68 -18.53 15.82
C TRP A 494 11.87 -17.25 15.96
N VAL A 495 11.25 -16.78 14.88
CA VAL A 495 10.36 -15.63 14.94
C VAL A 495 8.94 -16.10 15.25
N GLY A 496 8.36 -15.71 16.37
CA GLY A 496 7.00 -16.13 16.68
C GLY A 496 6.05 -14.94 16.43
N GLY A 497 4.77 -15.21 16.36
CA GLY A 497 3.73 -14.22 16.17
C GLY A 497 3.25 -14.01 14.72
N TYR A 498 4.07 -14.20 13.72
CA TYR A 498 3.83 -14.06 12.31
C TYR A 498 3.09 -15.25 11.75
N THR A 499 1.78 -15.21 11.77
CA THR A 499 0.96 -16.29 11.20
C THR A 499 1.01 -16.26 9.68
N GLY A 500 1.01 -15.05 9.10
CA GLY A 500 0.97 -14.85 7.66
C GLY A 500 -0.46 -14.93 7.13
N LYS A 501 -1.48 -14.96 7.97
CA LYS A 501 -2.84 -15.12 7.48
C LYS A 501 -3.55 -13.80 7.15
N ASP A 502 -2.96 -12.67 7.47
CA ASP A 502 -3.50 -11.35 7.17
C ASP A 502 -3.17 -11.06 5.67
N PRO A 503 -4.20 -10.90 4.85
CA PRO A 503 -4.07 -10.58 3.44
C PRO A 503 -3.57 -9.16 3.18
N LEU A 504 -3.55 -8.30 4.20
CA LEU A 504 -3.00 -6.98 4.02
C LEU A 504 -1.56 -7.00 4.48
N ASP A 505 -1.07 -8.03 5.17
CA ASP A 505 0.30 -8.02 5.70
C ASP A 505 0.56 -6.88 6.67
N ASN A 506 -0.43 -6.55 7.50
CA ASN A 506 -0.24 -5.46 8.47
C ASN A 506 0.56 -5.90 9.72
N ILE A 507 1.85 -6.17 9.60
CA ILE A 507 2.65 -6.62 10.74
C ILE A 507 2.96 -5.54 11.77
N TYR A 508 2.80 -5.86 13.03
CA TYR A 508 3.18 -5.01 14.16
C TYR A 508 4.35 -5.67 14.88
N VAL A 509 5.47 -4.99 15.16
CA VAL A 509 6.58 -5.71 15.83
C VAL A 509 6.22 -6.08 17.25
N LYS A 510 5.33 -5.30 17.91
CA LYS A 510 4.79 -5.60 19.21
C LYS A 510 4.12 -6.95 19.35
N ASN A 511 3.80 -7.62 18.26
CA ASN A 511 3.07 -8.88 18.25
C ASN A 511 4.02 -10.05 18.02
N LEU A 512 5.28 -9.77 17.80
CA LEU A 512 6.20 -10.90 17.50
C LEU A 512 7.03 -11.18 18.75
N TYR A 513 7.83 -12.22 18.74
CA TYR A 513 8.66 -12.64 19.86
C TYR A 513 9.70 -13.70 19.43
N ILE A 514 10.93 -13.55 19.88
CA ILE A 514 11.99 -14.49 19.55
C ILE A 514 12.00 -15.70 20.50
N ILE A 515 11.85 -16.87 19.91
CA ILE A 515 11.89 -18.13 20.60
C ILE A 515 13.35 -18.51 20.84
N LYS A 516 13.54 -19.18 21.99
CA LYS A 516 14.84 -19.66 22.42
C LYS A 516 15.53 -20.46 21.32
N HIS A 517 16.78 -20.11 20.97
CA HIS A 517 17.39 -20.84 19.86
C HIS A 517 18.91 -20.93 19.83
N LYS B 1 -1.79 1.39 -0.67
CA LYS B 1 -0.33 1.71 -0.63
C LYS B 1 0.47 1.08 -1.80
N THR B 2 1.51 1.85 -2.14
CA THR B 2 2.32 1.52 -3.29
C THR B 2 3.37 0.44 -2.95
N LYS B 3 3.51 -0.55 -3.80
CA LYS B 3 4.55 -1.53 -3.67
C LYS B 3 5.46 -1.48 -4.87
U IUM C . 9.79 9.04 -23.47
U IUM D . -11.37 -18.10 -17.60
#